data_6YX3
#
_entry.id   6YX3
#
_cell.length_a   47.758
_cell.length_b   64.114
_cell.length_c   49.013
_cell.angle_alpha   90.000
_cell.angle_beta   111.480
_cell.angle_gamma   90.000
#
_symmetry.space_group_name_H-M   'P 1 21 1'
#
loop_
_entity.id
_entity.type
_entity.pdbx_description
1 polymer 'Phosphoribosylaminoimidazole-succinocarboxamide synthase'
2 non-polymer 'SULFATE ION'
3 non-polymer 'MAGNESIUM ION'
4 non-polymer "ADENOSINE-5'-TRIPHOSPHATE"
5 water water
#
_entity_poly.entity_id   1
_entity_poly.type   'polypeptide(L)'
_entity_poly.pdbx_seq_one_letter_code
;MSHHHHHHSMRPSLSDYQHVASGKVRELYRVDDEHLLFVATDRISAFDFVLDTPIPDKGRILTAMSVFFFGLLTVPNHLA
GPPDDPRIPEEVLGRALLVRRLDMLPVECVARGYLTGSGLLDYQRTGAVCGHVLPQGLGEASRLDPPLFTPATKADIGEH
DMNVDFAAVVGLVGAVRANQLRDETIKIYTRAAAHALHKGIILADTKFEFGVDIEGNLVLADEVFTPDSSRYWDAAHYQP
GVVQDSFDKQFVRNWLTGPESGWDRASDTPPPPLPDEVAVATRERYIEAYERISGLSFSDWIGPSA
;
_entity_poly.pdbx_strand_id   A
#
loop_
_chem_comp.id
_chem_comp.type
_chem_comp.name
_chem_comp.formula
ATP non-polymer ADENOSINE-5'-TRIPHOSPHATE 'C10 H16 N5 O13 P3'
MG non-polymer 'MAGNESIUM ION' 'Mg 2'
SO4 non-polymer 'SULFATE ION' 'O4 S -2'
#
# COMPACT_ATOMS: atom_id res chain seq x y z
N SER A 9 -28.93 -11.02 1.07
CA SER A 9 -28.32 -10.09 2.00
C SER A 9 -28.21 -10.71 3.40
N MET A 10 -28.53 -12.00 3.50
CA MET A 10 -28.20 -12.76 4.70
C MET A 10 -26.68 -12.92 4.78
N ARG A 11 -26.05 -12.29 5.79
CA ARG A 11 -24.59 -12.33 5.91
C ARG A 11 -24.18 -12.61 7.34
N PRO A 12 -23.08 -13.33 7.53
CA PRO A 12 -22.63 -13.59 8.90
C PRO A 12 -22.17 -12.31 9.57
N SER A 13 -22.11 -12.35 10.89
CA SER A 13 -21.55 -11.24 11.63
CA SER A 13 -21.56 -11.24 11.65
C SER A 13 -20.05 -11.40 11.72
N LEU A 14 -19.35 -10.28 11.83
CA LEU A 14 -17.92 -10.31 12.00
C LEU A 14 -17.54 -11.13 13.24
N SER A 15 -18.40 -11.09 14.26
CA SER A 15 -18.17 -11.83 15.50
C SER A 15 -18.25 -13.35 15.30
N ASP A 16 -18.68 -13.80 14.13
CA ASP A 16 -18.70 -15.24 13.81
C ASP A 16 -17.31 -15.76 13.44
N TYR A 17 -16.38 -14.84 13.16
CA TYR A 17 -15.04 -15.19 12.72
C TYR A 17 -14.01 -14.86 13.77
N GLN A 18 -13.00 -15.71 13.89
CA GLN A 18 -11.91 -15.43 14.81
C GLN A 18 -10.97 -14.37 14.27
N HIS A 19 -10.64 -13.42 15.13
CA HIS A 19 -9.67 -12.39 14.84
C HIS A 19 -8.29 -13.03 14.83
N VAL A 20 -7.62 -12.95 13.69
CA VAL A 20 -6.36 -13.65 13.50
C VAL A 20 -5.17 -12.78 13.86
N ALA A 21 -5.22 -11.55 13.35
CA ALA A 21 -4.11 -10.60 13.53
C ALA A 21 -4.43 -9.24 12.91
N SER A 22 -3.31 -8.51 12.80
CA SER A 22 -3.11 -7.44 11.81
C SER A 22 -2.39 -6.22 12.35
N GLY A 23 -2.26 -5.24 11.47
CA GLY A 23 -1.49 -4.06 11.76
C GLY A 23 -2.34 -2.84 12.06
N LYS A 24 -1.83 -1.69 11.64
CA LYS A 24 -2.34 -0.39 12.07
C LYS A 24 -3.75 -0.07 11.58
N VAL A 25 -4.02 -0.34 10.30
CA VAL A 25 -5.23 0.15 9.66
C VAL A 25 -6.03 -0.93 8.95
N ARG A 26 -5.54 -2.16 8.98
CA ARG A 26 -6.26 -3.30 8.42
C ARG A 26 -6.42 -4.41 9.45
N GLU A 27 -7.34 -5.33 9.18
CA GLU A 27 -7.67 -6.43 10.09
C GLU A 27 -7.77 -7.75 9.34
N LEU A 28 -7.50 -8.85 10.02
CA LEU A 28 -7.54 -10.17 9.39
C LEU A 28 -8.34 -11.13 10.27
N TYR A 29 -9.29 -11.81 9.65
CA TYR A 29 -10.13 -12.77 10.35
C TYR A 29 -10.06 -14.13 9.70
N ARG A 30 -10.22 -15.18 10.50
CA ARG A 30 -10.29 -16.54 9.99
C ARG A 30 -11.72 -16.88 9.58
N VAL A 31 -11.91 -17.31 8.33
CA VAL A 31 -13.23 -17.73 7.89
C VAL A 31 -13.34 -19.25 8.01
N ASP A 32 -12.31 -19.95 7.54
CA ASP A 32 -12.15 -21.38 7.79
C ASP A 32 -10.68 -21.72 7.65
N ASP A 33 -10.36 -23.01 7.60
CA ASP A 33 -8.96 -23.45 7.58
C ASP A 33 -8.14 -22.87 6.43
N GLU A 34 -8.79 -22.58 5.30
CA GLU A 34 -8.05 -22.13 4.14
C GLU A 34 -8.48 -20.76 3.62
N HIS A 35 -9.33 -20.05 4.36
CA HIS A 35 -9.76 -18.74 3.91
C HIS A 35 -9.75 -17.72 5.02
N LEU A 36 -9.44 -16.49 4.63
CA LEU A 36 -9.43 -15.38 5.55
C LEU A 36 -10.34 -14.28 5.03
N LEU A 37 -10.65 -13.35 5.92
CA LEU A 37 -11.33 -12.12 5.59
C LEU A 37 -10.35 -10.98 5.81
N PHE A 38 -10.06 -10.25 4.75
CA PHE A 38 -9.04 -9.21 4.74
C PHE A 38 -9.76 -7.87 4.72
N VAL A 39 -9.68 -7.14 5.84
CA VAL A 39 -10.51 -5.95 6.06
C VAL A 39 -9.70 -4.66 6.06
N ALA A 40 -10.08 -3.72 5.19
CA ALA A 40 -9.49 -2.39 5.21
C ALA A 40 -10.39 -1.48 6.05
N THR A 41 -9.80 -0.62 6.87
CA THR A 41 -10.61 0.29 7.67
C THR A 41 -10.45 1.72 7.15
N ASP A 42 -11.21 2.64 7.73
CA ASP A 42 -11.14 4.03 7.34
C ASP A 42 -10.03 4.78 8.08
N ARG A 43 -9.28 4.08 8.93
CA ARG A 43 -8.20 4.76 9.65
C ARG A 43 -7.07 5.15 8.70
N ILE A 44 -6.45 6.28 8.98
CA ILE A 44 -5.37 6.79 8.15
C ILE A 44 -4.15 7.06 9.01
N SER A 45 -2.98 6.78 8.45
CA SER A 45 -1.73 7.05 9.11
CA SER A 45 -1.73 7.05 9.11
C SER A 45 -1.02 8.24 8.46
N ALA A 46 -0.43 9.10 9.27
CA ALA A 46 0.40 10.18 8.76
C ALA A 46 1.51 10.39 9.75
N PHE A 47 2.73 10.56 9.26
CA PHE A 47 3.90 10.75 10.11
C PHE A 47 4.07 9.59 11.10
N ASP A 48 3.69 8.40 10.65
CA ASP A 48 3.78 7.17 11.43
C ASP A 48 2.86 7.17 12.66
N PHE A 49 1.82 8.00 12.63
CA PHE A 49 0.76 7.95 13.63
C PHE A 49 -0.55 7.56 12.98
N VAL A 50 -1.31 6.67 13.62
CA VAL A 50 -2.69 6.47 13.18
C VAL A 50 -3.49 7.63 13.74
N LEU A 51 -4.13 8.38 12.85
CA LEU A 51 -4.81 9.61 13.25
C LEU A 51 -6.14 9.32 13.94
N ASP A 52 -6.60 10.27 14.75
CA ASP A 52 -7.85 10.09 15.50
C ASP A 52 -9.05 10.03 14.57
N THR A 53 -8.95 10.74 13.46
CA THR A 53 -10.06 10.97 12.55
C THR A 53 -10.03 9.99 11.39
N PRO A 54 -11.08 9.16 11.25
CA PRO A 54 -11.12 8.28 10.08
C PRO A 54 -11.44 9.09 8.83
N ILE A 55 -11.04 8.56 7.67
CA ILE A 55 -11.43 9.13 6.39
C ILE A 55 -12.63 8.38 5.85
N PRO A 56 -13.80 9.05 5.75
CA PRO A 56 -14.98 8.30 5.34
C PRO A 56 -14.78 7.60 3.98
N ASP A 57 -15.14 6.32 3.96
CA ASP A 57 -15.08 5.45 2.77
C ASP A 57 -13.67 5.05 2.35
N LYS A 58 -12.64 5.46 3.09
CA LYS A 58 -11.27 5.11 2.72
C LYS A 58 -11.11 3.60 2.55
N GLY A 59 -11.64 2.81 3.49
CA GLY A 59 -11.51 1.37 3.39
C GLY A 59 -12.13 0.82 2.13
N ARG A 60 -13.32 1.31 1.78
CA ARG A 60 -13.98 0.88 0.56
C ARG A 60 -13.22 1.30 -0.70
N ILE A 61 -12.73 2.54 -0.72
CA ILE A 61 -12.02 3.03 -1.89
C ILE A 61 -10.72 2.24 -2.10
N LEU A 62 -9.99 1.98 -1.04
CA LEU A 62 -8.72 1.26 -1.19
C LEU A 62 -8.92 -0.21 -1.51
N THR A 63 -10.01 -0.80 -1.01
CA THR A 63 -10.38 -2.16 -1.41
C THR A 63 -10.71 -2.20 -2.89
N ALA A 64 -11.50 -1.23 -3.36
CA ALA A 64 -11.83 -1.15 -4.77
C ALA A 64 -10.57 -1.04 -5.62
N MET A 65 -9.62 -0.24 -5.15
CA MET A 65 -8.38 -0.05 -5.87
C MET A 65 -7.58 -1.34 -5.97
N SER A 66 -7.43 -2.05 -4.86
CA SER A 66 -6.72 -3.33 -4.87
CA SER A 66 -6.72 -3.30 -4.87
C SER A 66 -7.39 -4.31 -5.82
N VAL A 67 -8.71 -4.38 -5.74
CA VAL A 67 -9.45 -5.29 -6.60
C VAL A 67 -9.20 -4.94 -8.08
N PHE A 68 -9.19 -3.65 -8.40
CA PHE A 68 -8.91 -3.27 -9.78
C PHE A 68 -7.56 -3.79 -10.24
N PHE A 69 -6.53 -3.57 -9.43
CA PHE A 69 -5.19 -3.97 -9.83
C PHE A 69 -5.02 -5.48 -9.86
N PHE A 70 -5.68 -6.20 -8.95
CA PHE A 70 -5.65 -7.66 -9.02
C PHE A 70 -6.21 -8.13 -10.36
N GLY A 71 -7.23 -7.45 -10.87
CA GLY A 71 -7.81 -7.80 -12.15
C GLY A 71 -6.96 -7.39 -13.33
N LEU A 72 -6.21 -6.30 -13.17
CA LEU A 72 -5.36 -5.80 -14.24
C LEU A 72 -4.20 -6.76 -14.48
N LEU A 73 -3.52 -7.16 -13.40
CA LEU A 73 -2.36 -8.02 -13.47
C LEU A 73 -2.78 -9.47 -13.75
N THR A 74 -1.92 -10.22 -14.42
CA THR A 74 -2.23 -11.60 -14.75
C THR A 74 -1.64 -12.61 -13.76
N VAL A 75 -0.94 -12.12 -12.75
CA VAL A 75 -0.25 -12.98 -11.79
C VAL A 75 -1.21 -13.54 -10.74
N PRO A 76 -0.90 -14.71 -10.18
CA PRO A 76 -1.74 -15.29 -9.14
C PRO A 76 -1.89 -14.36 -7.94
N ASN A 77 -3.10 -14.28 -7.41
CA ASN A 77 -3.35 -13.43 -6.24
C ASN A 77 -4.25 -14.14 -5.25
N HIS A 78 -4.45 -13.53 -4.09
CA HIS A 78 -5.11 -14.22 -2.99
C HIS A 78 -6.62 -14.13 -2.99
N LEU A 79 -7.23 -13.46 -3.96
CA LEU A 79 -8.69 -13.37 -3.98
C LEU A 79 -9.33 -14.75 -4.10
N ALA A 80 -10.34 -15.01 -3.29
CA ALA A 80 -11.01 -16.31 -3.26
C ALA A 80 -12.52 -16.21 -3.47
N GLY A 81 -13.02 -15.01 -3.76
CA GLY A 81 -14.43 -14.85 -4.04
C GLY A 81 -14.69 -13.42 -4.49
N PRO A 82 -15.91 -13.15 -4.93
CA PRO A 82 -16.28 -11.82 -5.43
C PRO A 82 -16.38 -10.82 -4.28
N PRO A 83 -16.33 -9.52 -4.58
CA PRO A 83 -16.44 -8.53 -3.51
C PRO A 83 -17.76 -8.60 -2.74
N ASP A 84 -18.78 -9.22 -3.30
CA ASP A 84 -20.07 -9.37 -2.60
C ASP A 84 -20.30 -10.78 -2.07
N ASP A 85 -19.23 -11.57 -1.99
CA ASP A 85 -19.31 -12.93 -1.48
C ASP A 85 -20.13 -13.00 -0.18
N PRO A 86 -21.08 -13.94 -0.08
CA PRO A 86 -21.98 -13.92 1.08
C PRO A 86 -21.29 -14.19 2.42
N ARG A 87 -20.04 -14.64 2.41
CA ARG A 87 -19.31 -14.85 3.65
C ARG A 87 -18.81 -13.53 4.23
N ILE A 88 -18.95 -12.44 3.48
CA ILE A 88 -18.51 -11.13 3.95
C ILE A 88 -19.61 -10.44 4.78
N PRO A 89 -19.31 -10.08 6.04
CA PRO A 89 -20.33 -9.41 6.86
C PRO A 89 -20.78 -8.07 6.29
N GLU A 90 -22.05 -7.75 6.51
CA GLU A 90 -22.57 -6.47 6.09
C GLU A 90 -21.75 -5.29 6.61
N GLU A 91 -21.28 -5.39 7.86
CA GLU A 91 -20.62 -4.27 8.52
C GLU A 91 -19.25 -3.94 7.92
N VAL A 92 -18.74 -4.78 7.03
CA VAL A 92 -17.50 -4.47 6.32
C VAL A 92 -17.67 -4.63 4.81
N LEU A 93 -18.90 -4.65 4.32
CA LEU A 93 -19.15 -4.85 2.90
C LEU A 93 -18.53 -3.73 2.06
N GLY A 94 -17.76 -4.10 1.04
CA GLY A 94 -17.07 -3.13 0.24
C GLY A 94 -15.66 -2.80 0.72
N ARG A 95 -15.34 -3.16 1.96
CA ARG A 95 -13.99 -2.93 2.46
C ARG A 95 -13.37 -4.20 3.02
N ALA A 96 -13.87 -5.35 2.57
CA ALA A 96 -13.35 -6.64 3.01
C ALA A 96 -13.39 -7.60 1.85
N LEU A 97 -12.39 -8.47 1.81
CA LEU A 97 -12.27 -9.46 0.74
C LEU A 97 -12.13 -10.83 1.33
N LEU A 98 -12.75 -11.79 0.68
CA LEU A 98 -12.57 -13.22 1.03
C LEU A 98 -11.31 -13.67 0.27
N VAL A 99 -10.31 -14.13 1.01
CA VAL A 99 -9.03 -14.45 0.42
C VAL A 99 -8.53 -15.83 0.85
N ARG A 100 -7.62 -16.37 0.04
CA ARG A 100 -6.97 -17.64 0.36
C ARG A 100 -5.94 -17.41 1.43
N ARG A 101 -5.93 -18.29 2.43
CA ARG A 101 -4.89 -18.25 3.45
C ARG A 101 -3.56 -18.71 2.86
N LEU A 102 -2.54 -17.86 2.98
CA LEU A 102 -1.21 -18.21 2.48
C LEU A 102 -0.19 -18.28 3.61
N ASP A 103 0.90 -18.98 3.34
CA ASP A 103 2.10 -18.87 4.17
C ASP A 103 2.89 -17.67 3.67
N MET A 104 2.85 -16.59 4.43
CA MET A 104 3.46 -15.35 3.97
C MET A 104 4.98 -15.40 4.04
N LEU A 105 5.62 -14.86 3.01
CA LEU A 105 7.07 -14.81 2.96
C LEU A 105 7.56 -13.61 3.78
N PRO A 106 8.59 -13.81 4.61
CA PRO A 106 9.07 -12.79 5.54
C PRO A 106 9.94 -11.72 4.89
N VAL A 107 9.43 -11.10 3.83
CA VAL A 107 10.19 -10.07 3.15
C VAL A 107 9.21 -9.06 2.54
N GLU A 108 9.54 -7.78 2.66
CA GLU A 108 8.78 -6.73 2.03
C GLU A 108 9.35 -6.49 0.64
N CYS A 109 8.55 -6.73 -0.39
CA CYS A 109 9.03 -6.64 -1.75
C CYS A 109 8.70 -5.28 -2.31
N VAL A 110 9.64 -4.36 -2.12
CA VAL A 110 9.45 -2.99 -2.52
C VAL A 110 10.09 -2.73 -3.87
N ALA A 111 9.36 -2.03 -4.73
CA ALA A 111 9.89 -1.56 -6.00
C ALA A 111 9.94 -0.04 -5.95
N ARG A 112 11.05 0.54 -6.40
CA ARG A 112 11.18 1.99 -6.47
C ARG A 112 11.46 2.45 -7.89
N GLY A 113 10.61 3.30 -8.43
CA GLY A 113 10.86 3.91 -9.72
C GLY A 113 11.51 5.27 -9.60
N TYR A 114 11.49 5.81 -8.38
CA TYR A 114 11.98 7.16 -8.09
C TYR A 114 12.67 7.13 -6.74
N LEU A 115 13.65 8.00 -6.56
CA LEU A 115 14.49 8.00 -5.39
C LEU A 115 13.98 8.96 -4.33
N THR A 116 13.46 8.43 -3.23
CA THR A 116 12.98 9.28 -2.15
C THR A 116 13.04 8.48 -0.85
N GLY A 117 12.71 9.13 0.27
CA GLY A 117 12.64 8.44 1.54
C GLY A 117 13.93 7.74 1.90
N SER A 118 13.81 6.52 2.41
CA SER A 118 14.99 5.82 2.89
C SER A 118 15.87 5.41 1.72
N GLY A 119 15.30 5.28 0.53
CA GLY A 119 16.11 4.98 -0.63
C GLY A 119 17.06 6.12 -0.93
N LEU A 120 16.52 7.32 -0.96
CA LEU A 120 17.35 8.49 -1.16
C LEU A 120 18.40 8.62 -0.05
N LEU A 121 17.98 8.43 1.19
CA LEU A 121 18.90 8.60 2.31
C LEU A 121 20.05 7.60 2.25
N ASP A 122 19.74 6.35 1.94
CA ASP A 122 20.79 5.33 1.82
C ASP A 122 21.76 5.71 0.69
N TYR A 123 21.21 6.17 -0.42
CA TYR A 123 22.02 6.64 -1.54
C TYR A 123 22.92 7.82 -1.15
N GLN A 124 22.36 8.78 -0.41
CA GLN A 124 23.16 9.94 -0.03
C GLN A 124 24.26 9.57 0.96
N ARG A 125 24.02 8.57 1.79
CA ARG A 125 25.03 8.12 2.75
C ARG A 125 26.10 7.24 2.14
N THR A 126 25.73 6.38 1.18
CA THR A 126 26.60 5.29 0.73
C THR A 126 26.80 5.20 -0.78
N GLY A 127 25.97 5.88 -1.56
CA GLY A 127 26.03 5.75 -3.00
C GLY A 127 25.22 4.56 -3.52
N ALA A 128 24.60 3.81 -2.62
CA ALA A 128 23.86 2.61 -2.99
C ALA A 128 22.56 2.47 -2.22
N VAL A 129 21.65 1.68 -2.79
CA VAL A 129 20.36 1.36 -2.17
C VAL A 129 20.15 -0.14 -2.28
N CYS A 130 20.04 -0.85 -1.16
CA CYS A 130 19.71 -2.29 -1.18
C CYS A 130 20.61 -3.08 -2.13
N GLY A 131 21.90 -2.78 -2.10
CA GLY A 131 22.86 -3.49 -2.93
C GLY A 131 22.95 -3.02 -4.36
N HIS A 132 22.27 -1.92 -4.68
CA HIS A 132 22.36 -1.31 -6.01
C HIS A 132 23.24 -0.07 -5.97
N VAL A 133 24.43 -0.15 -6.53
CA VAL A 133 25.29 1.02 -6.66
C VAL A 133 24.81 1.83 -7.86
N LEU A 134 24.40 3.07 -7.58
CA LEU A 134 23.70 3.89 -8.54
C LEU A 134 24.60 4.92 -9.19
N PRO A 135 24.15 5.54 -10.30
CA PRO A 135 24.93 6.63 -10.89
C PRO A 135 25.13 7.77 -9.90
N GLN A 136 26.20 8.54 -10.09
CA GLN A 136 26.38 9.76 -9.33
C GLN A 136 25.38 10.82 -9.80
N GLY A 137 25.10 11.77 -8.92
CA GLY A 137 24.36 12.96 -9.29
C GLY A 137 22.85 12.89 -9.17
N LEU A 138 22.32 11.78 -8.63
CA LEU A 138 20.89 11.67 -8.37
C LEU A 138 20.50 12.45 -7.12
N GLY A 139 19.22 12.75 -6.97
CA GLY A 139 18.74 13.44 -5.79
C GLY A 139 17.28 13.18 -5.57
N GLU A 140 16.68 14.02 -4.76
CA GLU A 140 15.28 13.87 -4.39
C GLU A 140 14.37 13.76 -5.61
N ALA A 141 13.56 12.71 -5.62
CA ALA A 141 12.59 12.42 -6.67
C ALA A 141 13.21 12.15 -8.05
N SER A 142 14.50 11.84 -8.10
CA SER A 142 15.11 11.39 -9.36
C SER A 142 14.46 10.11 -9.84
N ARG A 143 14.22 10.03 -11.15
CA ARG A 143 13.78 8.79 -11.75
C ARG A 143 14.90 7.76 -11.70
N LEU A 144 14.56 6.53 -11.33
CA LEU A 144 15.48 5.40 -11.35
C LEU A 144 15.24 4.61 -12.63
N ASP A 145 16.22 4.60 -13.50
CA ASP A 145 16.13 3.86 -14.76
C ASP A 145 17.29 2.87 -14.80
N PRO A 146 16.99 1.58 -14.60
CA PRO A 146 15.67 0.95 -14.43
C PRO A 146 15.16 1.04 -12.98
N PRO A 147 13.88 0.74 -12.78
CA PRO A 147 13.36 0.68 -11.41
C PRO A 147 14.08 -0.37 -10.59
N LEU A 148 14.11 -0.20 -9.29
CA LEU A 148 14.87 -1.07 -8.42
C LEU A 148 14.00 -1.97 -7.58
N PHE A 149 14.46 -3.22 -7.41
CA PHE A 149 14.00 -4.09 -6.34
C PHE A 149 14.75 -3.70 -5.07
N THR A 150 14.04 -3.16 -4.09
CA THR A 150 14.65 -2.69 -2.87
C THR A 150 13.98 -3.35 -1.67
N PRO A 151 14.31 -4.63 -1.44
CA PRO A 151 13.64 -5.39 -0.38
C PRO A 151 13.95 -4.86 1.01
N ALA A 152 13.03 -5.13 1.92
CA ALA A 152 13.18 -4.75 3.30
C ALA A 152 12.61 -5.83 4.19
N THR A 153 12.99 -5.78 5.46
CA THR A 153 12.39 -6.66 6.45
C THR A 153 11.75 -5.84 7.57
N LYS A 154 10.65 -6.35 8.12
CA LYS A 154 10.00 -5.70 9.25
C LYS A 154 10.90 -5.71 10.48
N ALA A 155 10.96 -4.59 11.20
CA ALA A 155 11.74 -4.52 12.43
C ALA A 155 10.81 -4.57 13.63
N ASP A 156 11.26 -3.99 14.74
CA ASP A 156 10.45 -3.95 15.96
C ASP A 156 9.18 -3.15 15.76
N ILE A 157 8.17 -3.42 16.59
CA ILE A 157 6.89 -2.73 16.50
C ILE A 157 7.06 -1.22 16.60
N GLY A 158 6.55 -0.50 15.62
CA GLY A 158 6.57 0.95 15.64
C GLY A 158 7.73 1.60 14.90
N GLU A 159 8.77 0.83 14.59
CA GLU A 159 9.94 1.38 13.91
C GLU A 159 9.99 0.98 12.44
N HIS A 160 10.83 1.69 11.68
CA HIS A 160 10.89 1.54 10.23
C HIS A 160 11.47 0.21 9.79
N ASP A 161 11.05 -0.26 8.61
CA ASP A 161 11.57 -1.50 8.06
C ASP A 161 13.07 -1.37 7.80
N MET A 162 13.78 -2.50 7.79
CA MET A 162 15.21 -2.48 7.48
C MET A 162 15.47 -2.80 6.02
N ASN A 163 16.10 -1.87 5.29
CA ASN A 163 16.49 -2.14 3.91
C ASN A 163 17.55 -3.21 3.83
N VAL A 164 17.39 -4.18 2.93
CA VAL A 164 18.36 -5.25 2.77
C VAL A 164 18.63 -5.47 1.30
N ASP A 165 19.63 -6.31 0.98
CA ASP A 165 19.96 -6.55 -0.41
C ASP A 165 19.51 -7.93 -0.88
N PHE A 166 19.82 -8.27 -2.13
CA PHE A 166 19.32 -9.50 -2.71
C PHE A 166 19.84 -10.73 -1.95
N ALA A 167 21.10 -10.70 -1.54
CA ALA A 167 21.69 -11.80 -0.78
C ALA A 167 20.90 -12.07 0.49
N ALA A 168 20.44 -11.02 1.16
CA ALA A 168 19.63 -11.20 2.35
C ALA A 168 18.30 -11.89 2.00
N VAL A 169 17.72 -11.56 0.86
CA VAL A 169 16.46 -12.17 0.45
C VAL A 169 16.68 -13.67 0.15
N VAL A 170 17.80 -14.00 -0.49
CA VAL A 170 18.16 -15.38 -0.74
C VAL A 170 18.17 -16.17 0.58
N GLY A 171 18.78 -15.62 1.62
CA GLY A 171 18.84 -16.29 2.91
C GLY A 171 17.49 -16.40 3.60
N LEU A 172 16.56 -15.53 3.25
CA LEU A 172 15.23 -15.57 3.82
C LEU A 172 14.30 -16.60 3.17
N VAL A 173 14.36 -16.72 1.84
CA VAL A 173 13.35 -17.51 1.13
C VAL A 173 13.88 -18.55 0.15
N GLY A 174 15.20 -18.58 -0.07
CA GLY A 174 15.77 -19.49 -1.04
C GLY A 174 16.23 -18.74 -2.28
N ALA A 175 17.24 -19.27 -2.96
CA ALA A 175 17.81 -18.58 -4.13
C ALA A 175 16.83 -18.46 -5.30
N VAL A 176 16.18 -19.57 -5.64
CA VAL A 176 15.26 -19.56 -6.77
C VAL A 176 14.04 -18.68 -6.44
N ARG A 177 13.50 -18.82 -5.24
CA ARG A 177 12.38 -17.99 -4.83
C ARG A 177 12.75 -16.50 -4.81
N ALA A 178 13.95 -16.17 -4.34
CA ALA A 178 14.37 -14.77 -4.30
C ALA A 178 14.38 -14.18 -5.70
N ASN A 179 14.94 -14.92 -6.66
CA ASN A 179 14.92 -14.47 -8.04
C ASN A 179 13.50 -14.29 -8.54
N GLN A 180 12.62 -15.23 -8.18
CA GLN A 180 11.22 -15.14 -8.59
C GLN A 180 10.56 -13.87 -8.04
N LEU A 181 10.81 -13.58 -6.77
CA LEU A 181 10.26 -12.38 -6.12
C LEU A 181 10.74 -11.12 -6.80
N ARG A 182 12.03 -11.06 -7.05
CA ARG A 182 12.63 -9.91 -7.70
C ARG A 182 12.00 -9.67 -9.07
N ASP A 183 11.93 -10.72 -9.86
CA ASP A 183 11.43 -10.58 -11.22
C ASP A 183 9.97 -10.16 -11.26
N GLU A 184 9.16 -10.79 -10.42
CA GLU A 184 7.73 -10.47 -10.41
C GLU A 184 7.50 -9.05 -9.90
N THR A 185 8.21 -8.68 -8.83
CA THR A 185 8.10 -7.34 -8.26
C THR A 185 8.38 -6.26 -9.31
N ILE A 186 9.48 -6.43 -10.02
CA ILE A 186 9.83 -5.45 -11.05
C ILE A 186 8.81 -5.47 -12.20
N LYS A 187 8.38 -6.65 -12.63
CA LYS A 187 7.45 -6.75 -13.74
C LYS A 187 6.12 -6.08 -13.44
N ILE A 188 5.51 -6.39 -12.30
CA ILE A 188 4.19 -5.83 -12.04
C ILE A 188 4.27 -4.36 -11.65
N TYR A 189 5.35 -3.95 -10.97
CA TYR A 189 5.54 -2.52 -10.73
C TYR A 189 5.64 -1.73 -12.05
N THR A 190 6.44 -2.23 -12.98
CA THR A 190 6.64 -1.53 -14.23
C THR A 190 5.32 -1.38 -14.97
N ARG A 191 4.53 -2.44 -15.03
CA ARG A 191 3.25 -2.37 -15.71
C ARG A 191 2.28 -1.39 -15.03
N ALA A 192 2.15 -1.50 -13.72
CA ALA A 192 1.23 -0.61 -13.00
C ALA A 192 1.68 0.84 -13.07
N ALA A 193 2.98 1.08 -12.96
CA ALA A 193 3.49 2.45 -12.99
C ALA A 193 3.20 3.10 -14.33
N ALA A 194 3.37 2.35 -15.42
CA ALA A 194 3.09 2.88 -16.74
C ALA A 194 1.59 3.19 -16.89
N HIS A 195 0.74 2.29 -16.37
CA HIS A 195 -0.70 2.45 -16.44
C HIS A 195 -1.16 3.71 -15.71
N ALA A 196 -0.63 3.91 -14.51
CA ALA A 196 -0.98 5.08 -13.71
C ALA A 196 -0.45 6.37 -14.37
N LEU A 197 0.80 6.34 -14.83
CA LEU A 197 1.40 7.55 -15.39
C LEU A 197 0.66 8.00 -16.65
N HIS A 198 0.16 7.03 -17.41
CA HIS A 198 -0.63 7.34 -18.60
C HIS A 198 -1.83 8.21 -18.24
N LYS A 199 -2.35 8.04 -17.03
CA LYS A 199 -3.48 8.81 -16.54
C LYS A 199 -3.07 10.01 -15.68
N GLY A 200 -1.78 10.31 -15.63
CA GLY A 200 -1.28 11.49 -14.98
C GLY A 200 -0.91 11.33 -13.51
N ILE A 201 -0.79 10.10 -13.04
CA ILE A 201 -0.39 9.84 -11.66
C ILE A 201 0.85 8.96 -11.64
N ILE A 202 1.88 9.42 -10.95
CA ILE A 202 3.10 8.64 -10.78
C ILE A 202 3.00 7.70 -9.60
N LEU A 203 3.29 6.43 -9.84
CA LEU A 203 3.48 5.44 -8.80
C LEU A 203 4.97 5.44 -8.48
N ALA A 204 5.38 6.19 -7.47
CA ALA A 204 6.80 6.41 -7.22
C ALA A 204 7.49 5.16 -6.69
N ASP A 205 6.79 4.45 -5.83
CA ASP A 205 7.27 3.21 -5.25
C ASP A 205 6.07 2.45 -4.70
N THR A 206 6.26 1.17 -4.41
CA THR A 206 5.16 0.36 -3.89
C THR A 206 5.72 -0.86 -3.18
N LYS A 207 4.93 -1.41 -2.28
CA LYS A 207 5.32 -2.56 -1.49
C LYS A 207 4.37 -3.73 -1.72
N PHE A 208 4.92 -4.89 -2.06
CA PHE A 208 4.15 -6.11 -2.18
C PHE A 208 4.43 -7.07 -1.05
N GLU A 209 3.39 -7.76 -0.62
CA GLU A 209 3.51 -8.87 0.31
C GLU A 209 3.07 -10.13 -0.43
N PHE A 210 3.97 -11.08 -0.55
CA PHE A 210 3.73 -12.35 -1.21
C PHE A 210 3.61 -13.48 -0.23
N GLY A 211 2.81 -14.47 -0.57
CA GLY A 211 2.77 -15.69 0.19
C GLY A 211 2.82 -16.87 -0.76
N VAL A 212 2.86 -18.07 -0.18
CA VAL A 212 2.93 -19.28 -0.98
C VAL A 212 1.70 -20.13 -0.66
N ASP A 213 1.02 -20.64 -1.69
CA ASP A 213 -0.16 -21.47 -1.44
C ASP A 213 0.26 -22.91 -1.22
N ILE A 214 -0.72 -23.80 -1.07
CA ILE A 214 -0.45 -25.20 -0.80
C ILE A 214 0.38 -25.84 -1.90
N GLU A 215 0.16 -25.40 -3.13
CA GLU A 215 0.82 -25.98 -4.30
C GLU A 215 2.24 -25.45 -4.51
N GLY A 216 2.66 -24.49 -3.69
CA GLY A 216 3.99 -23.93 -3.80
C GLY A 216 4.04 -22.70 -4.70
N ASN A 217 2.90 -22.31 -5.23
CA ASN A 217 2.80 -21.14 -6.09
C ASN A 217 3.03 -19.86 -5.34
N LEU A 218 3.75 -18.94 -5.96
CA LEU A 218 3.92 -17.58 -5.46
C LEU A 218 2.67 -16.73 -5.72
N VAL A 219 2.08 -16.21 -4.65
CA VAL A 219 0.78 -15.54 -4.73
C VAL A 219 0.85 -14.14 -4.14
N LEU A 220 0.40 -13.16 -4.90
CA LEU A 220 0.34 -11.78 -4.47
C LEU A 220 -0.83 -11.59 -3.49
N ALA A 221 -0.56 -10.97 -2.34
CA ALA A 221 -1.54 -10.90 -1.27
C ALA A 221 -1.59 -9.50 -0.67
N ASP A 222 -2.19 -9.38 0.52
CA ASP A 222 -2.39 -8.10 1.20
C ASP A 222 -3.03 -7.10 0.25
N GLU A 223 -2.62 -5.84 0.33
CA GLU A 223 -3.09 -4.75 -0.52
C GLU A 223 -2.15 -4.54 -1.67
N VAL A 224 -2.66 -4.16 -2.84
CA VAL A 224 -1.77 -3.87 -3.95
C VAL A 224 -2.08 -2.52 -4.59
N PHE A 225 -1.00 -1.74 -4.75
CA PHE A 225 -1.03 -0.45 -5.44
C PHE A 225 -2.02 0.55 -4.88
N THR A 226 -2.23 0.51 -3.58
CA THR A 226 -3.05 1.52 -2.94
C THR A 226 -2.19 2.66 -2.43
N PRO A 227 -2.83 3.81 -2.11
CA PRO A 227 -2.03 4.88 -1.49
C PRO A 227 -1.47 4.49 -0.11
N ASP A 228 -2.00 3.46 0.52
CA ASP A 228 -1.39 2.96 1.76
C ASP A 228 -0.17 2.08 1.50
N SER A 229 -0.11 1.42 0.35
CA SER A 229 1.01 0.52 0.06
C SER A 229 2.03 1.17 -0.88
N SER A 230 1.77 2.41 -1.29
CA SER A 230 2.49 3.05 -2.38
C SER A 230 2.64 4.53 -2.14
N ARG A 231 3.62 5.15 -2.80
CA ARG A 231 3.67 6.60 -2.89
C ARG A 231 3.11 7.05 -4.23
N TYR A 232 1.96 7.72 -4.19
CA TYR A 232 1.29 8.36 -5.34
CA TYR A 232 1.44 8.33 -5.41
C TYR A 232 1.72 9.82 -5.45
N TRP A 233 2.11 10.29 -6.64
CA TRP A 233 2.36 11.70 -6.94
C TRP A 233 1.53 12.15 -8.13
N ASP A 234 1.16 13.42 -8.16
CA ASP A 234 0.57 14.02 -9.35
C ASP A 234 1.66 14.27 -10.40
N ALA A 235 1.51 13.71 -11.59
CA ALA A 235 2.51 13.90 -12.65
C ALA A 235 2.56 15.34 -13.15
N ALA A 236 1.46 16.07 -13.02
CA ALA A 236 1.31 17.36 -13.70
C ALA A 236 2.38 18.37 -13.36
N HIS A 237 2.88 18.34 -12.13
CA HIS A 237 3.96 19.25 -11.79
C HIS A 237 5.13 18.50 -11.15
N TYR A 238 5.29 17.23 -11.51
CA TYR A 238 6.45 16.46 -11.10
C TYR A 238 7.72 17.22 -11.46
N GLN A 239 8.52 17.45 -10.44
CA GLN A 239 9.70 18.28 -10.54
C GLN A 239 10.84 17.60 -9.81
N PRO A 240 11.73 16.92 -10.56
CA PRO A 240 12.90 16.29 -9.93
C PRO A 240 13.68 17.33 -9.14
N GLY A 241 14.14 16.93 -7.95
CA GLY A 241 14.98 17.80 -7.15
C GLY A 241 14.32 18.40 -5.94
N VAL A 242 12.98 18.36 -5.88
CA VAL A 242 12.27 18.78 -4.67
C VAL A 242 11.34 17.66 -4.23
N VAL A 243 10.91 17.73 -2.97
CA VAL A 243 10.02 16.74 -2.41
C VAL A 243 8.65 16.88 -3.04
N GLN A 244 8.12 15.79 -3.57
CA GLN A 244 6.82 15.83 -4.20
C GLN A 244 5.71 15.74 -3.15
N ASP A 245 4.59 16.41 -3.41
CA ASP A 245 3.41 16.29 -2.56
C ASP A 245 2.84 14.89 -2.65
N SER A 246 2.33 14.37 -1.53
CA SER A 246 1.53 13.15 -1.55
C SER A 246 0.23 13.42 -2.29
N PHE A 247 -0.08 12.62 -3.30
CA PHE A 247 -1.33 12.82 -4.03
C PHE A 247 -2.54 12.82 -3.08
N ASP A 248 -2.56 11.84 -2.18
CA ASP A 248 -3.74 11.66 -1.34
C ASP A 248 -3.64 12.32 0.04
N LYS A 249 -2.44 12.39 0.61
CA LYS A 249 -2.30 12.78 2.01
C LYS A 249 -1.78 14.21 2.24
N GLN A 250 -1.59 14.98 1.18
CA GLN A 250 -0.94 16.28 1.40
C GLN A 250 -1.84 17.26 2.17
N PHE A 251 -3.16 17.18 2.00
CA PHE A 251 -4.03 18.08 2.76
C PHE A 251 -3.93 17.77 4.26
N VAL A 252 -3.86 16.48 4.58
CA VAL A 252 -3.66 16.06 5.96
C VAL A 252 -2.32 16.54 6.51
N ARG A 253 -1.25 16.29 5.77
CA ARG A 253 0.08 16.68 6.20
C ARG A 253 0.18 18.19 6.38
N ASN A 254 -0.35 18.95 5.41
CA ASN A 254 -0.29 20.40 5.49
C ASN A 254 -1.05 20.95 6.68
N TRP A 255 -2.21 20.37 6.97
CA TRP A 255 -2.97 20.89 8.09
C TRP A 255 -2.25 20.56 9.40
N LEU A 256 -1.77 19.33 9.54
CA LEU A 256 -1.12 18.91 10.78
C LEU A 256 0.12 19.75 11.10
N THR A 257 0.86 20.11 10.07
CA THR A 257 2.11 20.85 10.30
C THR A 257 1.93 22.34 10.08
N GLY A 258 0.68 22.75 9.90
CA GLY A 258 0.38 24.15 9.67
C GLY A 258 0.01 24.89 10.94
N PRO A 259 -0.34 26.19 10.79
CA PRO A 259 -0.56 27.08 11.93
C PRO A 259 -1.84 26.81 12.72
N GLU A 260 -2.74 25.98 12.20
CA GLU A 260 -4.04 25.76 12.85
C GLU A 260 -4.09 24.54 13.76
N SER A 261 -3.14 23.61 13.63
CA SER A 261 -3.25 22.34 14.35
C SER A 261 -2.82 22.43 15.81
N GLY A 262 -1.89 23.33 16.12
CA GLY A 262 -1.34 23.39 17.46
C GLY A 262 -0.34 22.27 17.77
N TRP A 263 -0.01 21.49 16.75
CA TRP A 263 0.84 20.32 16.92
C TRP A 263 2.19 20.52 16.29
N ASP A 264 3.24 20.19 17.05
CA ASP A 264 4.61 20.18 16.55
C ASP A 264 5.01 18.75 16.18
N ARG A 265 5.15 18.48 14.89
CA ARG A 265 5.49 17.13 14.43
C ARG A 265 6.79 16.64 15.06
N ALA A 266 7.74 17.54 15.27
CA ALA A 266 9.03 17.19 15.85
C ALA A 266 8.90 16.66 17.28
N SER A 267 7.80 16.97 17.95
CA SER A 267 7.57 16.50 19.32
C SER A 267 7.43 14.98 19.37
N ASP A 268 7.03 14.39 18.24
CA ASP A 268 6.86 12.94 18.10
C ASP A 268 5.82 12.41 19.09
N THR A 269 4.82 13.24 19.41
CA THR A 269 3.70 12.83 20.26
C THR A 269 2.45 12.75 19.39
N PRO A 270 1.39 12.05 19.87
CA PRO A 270 0.25 11.83 18.97
C PRO A 270 -0.41 13.13 18.51
N PRO A 271 -0.71 13.21 17.22
CA PRO A 271 -1.30 14.42 16.64
C PRO A 271 -2.79 14.56 17.00
N PRO A 272 -3.32 15.79 16.91
CA PRO A 272 -4.73 16.07 17.19
C PRO A 272 -5.64 15.58 16.06
N PRO A 273 -6.96 15.54 16.31
CA PRO A 273 -7.90 15.18 15.25
C PRO A 273 -7.92 16.18 14.09
N LEU A 274 -8.30 15.69 12.92
CA LEU A 274 -8.37 16.50 11.72
C LEU A 274 -9.69 17.25 11.61
N PRO A 275 -9.67 18.42 10.96
CA PRO A 275 -10.92 19.04 10.53
C PRO A 275 -11.73 18.09 9.65
N ASP A 276 -13.03 18.04 9.87
CA ASP A 276 -13.91 17.24 9.01
C ASP A 276 -13.71 17.61 7.54
N GLU A 277 -13.49 18.90 7.24
CA GLU A 277 -13.33 19.32 5.85
C GLU A 277 -12.07 18.71 5.23
N VAL A 278 -11.02 18.55 6.04
CA VAL A 278 -9.80 17.93 5.56
C VAL A 278 -10.03 16.44 5.29
N ALA A 279 -10.78 15.76 6.18
CA ALA A 279 -11.10 14.36 5.98
C ALA A 279 -11.92 14.16 4.72
N VAL A 280 -12.90 15.02 4.48
CA VAL A 280 -13.73 14.89 3.29
C VAL A 280 -12.93 15.20 2.02
N ALA A 281 -12.04 16.19 2.08
CA ALA A 281 -11.18 16.50 0.93
C ALA A 281 -10.24 15.35 0.62
N THR A 282 -9.78 14.65 1.65
CA THR A 282 -8.91 13.50 1.49
C THR A 282 -9.66 12.34 0.85
N ARG A 283 -10.89 12.11 1.30
CA ARG A 283 -11.76 11.14 0.68
C ARG A 283 -11.87 11.39 -0.82
N GLU A 284 -12.06 12.65 -1.19
CA GLU A 284 -12.21 12.99 -2.60
C GLU A 284 -10.93 12.70 -3.38
N ARG A 285 -9.77 12.90 -2.76
CA ARG A 285 -8.50 12.56 -3.41
C ARG A 285 -8.37 11.07 -3.65
N TYR A 286 -8.77 10.24 -2.68
CA TYR A 286 -8.74 8.81 -2.87
C TYR A 286 -9.65 8.40 -4.04
N ILE A 287 -10.85 8.96 -4.07
CA ILE A 287 -11.78 8.66 -5.15
C ILE A 287 -11.17 9.08 -6.49
N GLU A 288 -10.57 10.27 -6.54
CA GLU A 288 -9.94 10.74 -7.76
C GLU A 288 -8.82 9.80 -8.24
N ALA A 289 -7.95 9.37 -7.33
CA ALA A 289 -6.89 8.44 -7.72
C ALA A 289 -7.49 7.15 -8.26
N TYR A 290 -8.49 6.61 -7.54
CA TYR A 290 -9.12 5.37 -7.96
C TYR A 290 -9.78 5.48 -9.32
N GLU A 291 -10.57 6.53 -9.53
CA GLU A 291 -11.31 6.66 -10.76
C GLU A 291 -10.38 6.95 -11.94
N ARG A 292 -9.39 7.81 -11.73
CA ARG A 292 -8.47 8.13 -12.82
C ARG A 292 -7.68 6.90 -13.27
N ILE A 293 -7.20 6.14 -12.31
CA ILE A 293 -6.37 4.99 -12.64
C ILE A 293 -7.18 3.78 -13.13
N SER A 294 -8.32 3.51 -12.52
CA SER A 294 -9.11 2.32 -12.86
C SER A 294 -10.00 2.55 -14.07
N GLY A 295 -10.42 3.79 -14.29
CA GLY A 295 -11.40 4.08 -15.32
C GLY A 295 -12.81 3.63 -14.92
N LEU A 296 -12.98 3.30 -13.64
CA LEU A 296 -14.29 2.91 -13.11
C LEU A 296 -14.87 4.03 -12.25
N SER A 297 -16.16 3.94 -11.93
CA SER A 297 -16.79 4.91 -11.04
C SER A 297 -16.90 4.33 -9.63
N PHE A 298 -16.44 5.09 -8.64
CA PHE A 298 -16.57 4.60 -7.27
C PHE A 298 -18.05 4.49 -6.86
N SER A 299 -18.92 5.24 -7.53
CA SER A 299 -20.36 5.16 -7.23
C SER A 299 -20.92 3.77 -7.49
N ASP A 300 -20.21 2.96 -8.28
CA ASP A 300 -20.63 1.59 -8.59
C ASP A 300 -20.06 0.56 -7.62
N TRP A 301 -19.15 0.97 -6.75
CA TRP A 301 -18.53 0.04 -5.81
C TRP A 301 -19.51 -0.29 -4.68
N ILE A 302 -19.52 -1.55 -4.28
CA ILE A 302 -20.49 -2.04 -3.30
C ILE A 302 -20.24 -1.47 -1.89
N GLY A 303 -21.27 -1.57 -1.05
CA GLY A 303 -21.14 -1.19 0.34
C GLY A 303 -21.78 0.15 0.61
N PRO A 304 -22.08 0.42 1.89
CA PRO A 304 -22.72 1.67 2.32
C PRO A 304 -21.77 2.86 2.27
N SER A 305 -22.31 4.05 2.02
CA SER A 305 -21.50 5.26 2.00
C SER A 305 -21.27 5.79 3.41
S SO4 B . 10.61 4.73 2.70
O1 SO4 B . 10.81 3.29 2.63
O2 SO4 B . 9.23 5.03 3.06
O3 SO4 B . 10.92 5.30 1.39
O4 SO4 B . 11.48 5.32 3.71
S SO4 C . -2.16 -1.69 -19.46
O1 SO4 C . -3.18 -2.73 -19.54
O2 SO4 C . -1.62 -1.45 -20.80
O3 SO4 C . -1.09 -2.11 -18.57
O4 SO4 C . -2.76 -0.46 -18.96
S SO4 D . -0.14 8.61 -0.81
O1 SO4 D . -0.72 7.97 0.36
O2 SO4 D . 0.35 7.61 -1.77
O3 SO4 D . -1.18 9.43 -1.46
O4 SO4 D . 0.96 9.47 -0.38
MG MG E . -2.66 -2.43 8.68
PG ATP F . 0.98 -2.36 8.38
O1G ATP F . 2.07 -2.65 9.38
O2G ATP F . 1.49 -2.06 6.99
O3G ATP F . -0.10 -1.41 8.86
PB ATP F . 0.82 -5.02 7.42
O1B ATP F . 0.76 -4.72 5.95
O2B ATP F . 2.12 -5.45 8.08
O3B ATP F . 0.21 -3.76 8.23
PA ATP F . -1.84 -5.98 7.42
O1A ATP F . -2.02 -5.49 6.00
O2A ATP F . -2.48 -5.27 8.59
O3A ATP F . -0.28 -6.13 7.76
O5' ATP F . -2.20 -7.55 7.42
C5' ATP F . -1.94 -8.32 8.59
C4' ATP F . -1.11 -9.56 8.21
O4' ATP F . -1.88 -10.42 7.36
C3' ATP F . 0.17 -9.21 7.47
O3' ATP F . 1.28 -9.85 8.10
C2' ATP F . 0.00 -9.81 6.09
O2' ATP F . 1.24 -10.36 5.65
C1' ATP F . -1.01 -10.90 6.35
N9 ATP F . -1.76 -11.30 5.13
C8 ATP F . -2.22 -10.51 4.14
N7 ATP F . -2.82 -11.27 3.18
C5 ATP F . -2.75 -12.56 3.58
C6 ATP F . -3.18 -13.87 3.08
N6 ATP F . -3.85 -14.00 1.91
N1 ATP F . -2.88 -14.97 3.80
C2 ATP F . -2.21 -14.89 4.96
N3 ATP F . -1.82 -13.73 5.50
C4 ATP F . -2.03 -12.56 4.85
#